data_4BPH
#
_entry.id   4BPH
#
_cell.length_a   49.207
_cell.length_b   49.207
_cell.length_c   146.264
_cell.angle_alpha   90.00
_cell.angle_beta   90.00
_cell.angle_gamma   120.00
#
_symmetry.space_group_name_H-M   'P 65 2 2'
#
loop_
_entity.id
_entity.type
_entity.pdbx_description
1 polymer 'D-ALANINE--POLY(PHOSPHORIBITOL) LIGASE SUBUNIT 2'
2 non-polymer "4'-PHOSPHOPANTETHEINE"
3 non-polymer 'MAGNESIUM ION'
4 water water
#
_entity_poly.entity_id   1
_entity_poly.type   'polypeptide(L)'
_entity_poly.pdbx_seq_one_letter_code
;MDFKQEVLDVLAEVCQDDIVKENPDIEIFEEGLLDSFGTVELLLAIENRFDILVPITEFDRDVWNTPNNIVNQLSELKRS
HHHHHH
;
_entity_poly.pdbx_strand_id   A
#
# COMPACT_ATOMS: atom_id res chain seq x y z
N MET A 1 -12.55 9.42 5.81
CA MET A 1 -11.39 8.97 6.63
C MET A 1 -10.12 9.63 6.09
N ASP A 2 -9.15 9.83 6.97
CA ASP A 2 -7.85 10.36 6.57
C ASP A 2 -7.22 9.41 5.55
N PHE A 3 -6.57 9.95 4.52
CA PHE A 3 -5.99 9.12 3.46
C PHE A 3 -4.98 8.13 4.03
N LYS A 4 -4.08 8.62 4.88
CA LYS A 4 -3.07 7.76 5.48
C LYS A 4 -3.74 6.63 6.26
N GLN A 5 -4.75 7.00 7.06
CA GLN A 5 -5.42 5.99 7.88
C GLN A 5 -6.15 4.99 7.01
N GLU A 6 -6.76 5.45 5.93
CA GLU A 6 -7.51 4.55 5.07
C GLU A 6 -6.58 3.62 4.33
N VAL A 7 -5.40 4.12 3.96
CA VAL A 7 -4.39 3.27 3.33
C VAL A 7 -3.89 2.21 4.34
N LEU A 8 -3.62 2.65 5.56
CA LEU A 8 -3.15 1.72 6.59
C LEU A 8 -4.23 0.68 6.89
N ASP A 9 -5.49 1.09 6.80
CA ASP A 9 -6.61 0.17 6.98
C ASP A 9 -6.60 -0.93 5.92
N VAL A 10 -6.39 -0.53 4.66
CA VAL A 10 -6.33 -1.51 3.57
C VAL A 10 -5.12 -2.43 3.75
N LEU A 11 -3.99 -1.84 4.08
CA LEU A 11 -2.75 -2.60 4.26
C LEU A 11 -2.91 -3.63 5.39
N ALA A 12 -3.49 -3.20 6.50
CA ALA A 12 -3.73 -4.09 7.63
C ALA A 12 -4.62 -5.27 7.24
N GLU A 13 -5.64 -5.01 6.43
CA GLU A 13 -6.54 -6.06 5.97
C GLU A 13 -5.83 -7.07 5.07
N VAL A 14 -5.02 -6.58 4.14
CA VAL A 14 -4.32 -7.45 3.20
C VAL A 14 -3.24 -8.23 3.92
N CYS A 15 -2.54 -7.57 4.84
CA CYS A 15 -1.52 -8.23 5.64
C CYS A 15 -2.17 -9.12 6.71
N GLN A 16 -3.46 -8.87 6.98
CA GLN A 16 -4.17 -9.54 8.06
C GLN A 16 -3.40 -9.45 9.38
N ASP A 17 -2.98 -8.24 9.68
CA ASP A 17 -2.21 -7.97 10.88
C ASP A 17 -2.22 -6.47 11.13
N ASP A 18 -2.71 -6.06 12.30
CA ASP A 18 -2.80 -4.64 12.64
C ASP A 18 -1.45 -4.05 13.05
N ILE A 19 -0.39 -4.84 13.00
CA ILE A 19 0.93 -4.35 13.37
C ILE A 19 1.39 -3.24 12.45
N VAL A 20 0.89 -3.23 11.22
CA VAL A 20 1.25 -2.20 10.26
C VAL A 20 0.74 -0.82 10.69
N LYS A 21 -0.27 -0.82 11.57
CA LYS A 21 -0.74 0.43 12.16
C LYS A 21 0.08 0.78 13.40
N GLU A 22 0.34 -0.24 14.23
CA GLU A 22 1.06 -0.05 15.48
C GLU A 22 2.51 0.39 15.26
N ASN A 23 3.13 -0.17 14.22
CA ASN A 23 4.48 0.23 13.83
C ASN A 23 4.54 0.52 12.33
N PRO A 24 4.28 1.78 11.93
CA PRO A 24 4.27 2.08 10.50
C PRO A 24 5.66 2.09 9.86
N ASP A 25 6.70 1.77 10.63
CA ASP A 25 8.05 1.66 10.08
C ASP A 25 8.54 0.20 10.03
N ILE A 26 7.64 -0.74 10.27
CA ILE A 26 8.00 -2.16 10.22
C ILE A 26 8.39 -2.56 8.80
N GLU A 27 9.44 -3.37 8.66
CA GLU A 27 9.87 -3.84 7.34
C GLU A 27 8.95 -4.96 6.87
N ILE A 28 7.98 -4.60 6.05
CA ILE A 28 6.88 -5.49 5.65
C ILE A 28 7.36 -6.80 5.03
N PHE A 29 8.35 -6.72 4.14
CA PHE A 29 8.82 -7.89 3.43
C PHE A 29 9.86 -8.67 4.22
N GLU A 30 10.66 -7.96 5.01
CA GLU A 30 11.66 -8.63 5.83
C GLU A 30 10.99 -9.39 6.99
N GLU A 31 9.83 -8.92 7.42
CA GLU A 31 9.07 -9.58 8.49
C GLU A 31 8.04 -10.58 7.94
N GLY A 32 8.00 -10.73 6.63
CA GLY A 32 7.10 -11.70 6.00
C GLY A 32 5.63 -11.37 6.15
N LEU A 33 5.30 -10.09 6.26
CA LEU A 33 3.91 -9.66 6.40
C LEU A 33 3.20 -9.65 5.06
N LEU A 34 3.98 -9.65 3.98
CA LEU A 34 3.41 -9.63 2.64
C LEU A 34 4.33 -10.40 1.71
N ASP A 35 3.73 -11.18 0.80
CA ASP A 35 4.47 -11.89 -0.24
C ASP A 35 4.07 -11.35 -1.61
N SER A 36 4.43 -12.06 -2.68
CA SER A 36 4.09 -11.61 -4.02
C SER A 36 2.57 -11.63 -4.23
N PHE A 37 1.90 -12.70 -3.83
CA PHE A 37 0.44 -12.76 -3.90
C PHE A 37 -0.16 -11.54 -3.20
N GLY A 38 0.31 -11.27 -1.98
CA GLY A 38 -0.21 -10.17 -1.19
C GLY A 38 0.05 -8.81 -1.82
N THR A 39 1.14 -8.70 -2.56
CA THR A 39 1.45 -7.46 -3.28
C THR A 39 0.38 -7.22 -4.34
N VAL A 40 0.06 -8.23 -5.12
CA VAL A 40 -0.99 -8.11 -6.14
C VAL A 40 -2.31 -7.78 -5.48
N GLU A 41 -2.63 -8.48 -4.40
CA GLU A 41 -3.87 -8.24 -3.67
C GLU A 41 -3.93 -6.79 -3.22
N LEU A 42 -2.82 -6.29 -2.71
CA LEU A 42 -2.74 -4.91 -2.23
C LEU A 42 -2.97 -3.89 -3.35
N LEU A 43 -2.30 -4.08 -4.47
CA LEU A 43 -2.44 -3.15 -5.59
C LEU A 43 -3.87 -3.16 -6.13
N LEU A 44 -4.48 -4.34 -6.21
CA LEU A 44 -5.87 -4.43 -6.64
C LEU A 44 -6.81 -3.76 -5.65
N ALA A 45 -6.55 -3.93 -4.35
CA ALA A 45 -7.37 -3.32 -3.32
C ALA A 45 -7.26 -1.81 -3.35
N ILE A 46 -6.06 -1.31 -3.61
CA ILE A 46 -5.84 0.12 -3.69
C ILE A 46 -6.62 0.71 -4.86
N GLU A 47 -6.59 0.03 -6.01
CA GLU A 47 -7.33 0.55 -7.17
C GLU A 47 -8.82 0.52 -6.89
N ASN A 48 -9.28 -0.54 -6.22
CA ASN A 48 -10.69 -0.67 -5.93
C ASN A 48 -11.16 0.39 -4.93
N ARG A 49 -10.34 0.64 -3.92
CA ARG A 49 -10.72 1.58 -2.86
C ARG A 49 -10.57 3.05 -3.29
N PHE A 50 -9.47 3.36 -3.99
CA PHE A 50 -9.09 4.74 -4.26
C PHE A 50 -9.09 5.10 -5.75
N ASP A 51 -9.27 4.12 -6.61
CA ASP A 51 -9.22 4.34 -8.05
C ASP A 51 -7.84 4.83 -8.48
N ILE A 52 -6.83 4.46 -7.69
CA ILE A 52 -5.42 4.68 -8.02
C ILE A 52 -4.85 3.39 -8.58
N LEU A 53 -4.37 3.43 -9.82
CA LEU A 53 -3.79 2.27 -10.47
C LEU A 53 -2.29 2.34 -10.36
N VAL A 54 -1.71 1.44 -9.58
CA VAL A 54 -0.27 1.28 -9.50
C VAL A 54 0.12 0.04 -10.28
N PRO A 55 0.71 0.22 -11.47
CA PRO A 55 1.10 -0.95 -12.24
C PRO A 55 2.11 -1.78 -11.48
N ILE A 56 2.00 -3.11 -11.58
CA ILE A 56 2.89 -4.01 -10.88
C ILE A 56 4.34 -3.70 -11.21
N THR A 57 4.57 -3.22 -12.43
CA THR A 57 5.92 -2.89 -12.90
C THR A 57 6.53 -1.70 -12.18
N GLU A 58 5.70 -0.96 -11.43
CA GLU A 58 6.17 0.22 -10.70
C GLU A 58 6.49 -0.13 -9.25
N PHE A 59 5.91 -1.23 -8.77
CA PHE A 59 6.13 -1.65 -7.39
C PHE A 59 7.57 -2.13 -7.21
N ASP A 60 8.18 -1.72 -6.10
CA ASP A 60 9.55 -2.08 -5.77
C ASP A 60 9.61 -2.32 -4.27
N ARG A 61 9.98 -3.54 -3.89
CA ARG A 61 10.01 -3.94 -2.48
C ARG A 61 10.95 -3.08 -1.64
N ASP A 62 11.95 -2.50 -2.28
CA ASP A 62 12.91 -1.65 -1.58
C ASP A 62 12.32 -0.25 -1.32
N VAL A 63 11.42 0.17 -2.19
CA VAL A 63 10.78 1.49 -2.06
C VAL A 63 9.49 1.41 -1.24
N TRP A 64 8.73 0.34 -1.45
CA TRP A 64 7.46 0.14 -0.75
C TRP A 64 7.66 -0.83 0.40
N ASN A 65 8.63 -0.54 1.25
CA ASN A 65 9.12 -1.52 2.22
C ASN A 65 8.51 -1.41 3.62
N THR A 66 7.85 -0.28 3.91
CA THR A 66 7.18 -0.11 5.20
C THR A 66 5.82 0.53 4.98
N PRO A 67 4.92 0.40 5.96
CA PRO A 67 3.62 1.06 5.84
C PRO A 67 3.76 2.55 5.54
N ASN A 68 4.63 3.24 6.25
CA ASN A 68 4.85 4.68 6.01
C ASN A 68 5.28 4.94 4.58
N ASN A 69 6.20 4.13 4.07
CA ASN A 69 6.71 4.34 2.72
C ASN A 69 5.66 4.02 1.66
N ILE A 70 4.79 3.06 1.95
CA ILE A 70 3.69 2.73 1.05
C ILE A 70 2.69 3.90 1.00
N VAL A 71 2.32 4.41 2.18
CA VAL A 71 1.46 5.58 2.25
C VAL A 71 2.07 6.74 1.48
N ASN A 72 3.37 6.98 1.68
CA ASN A 72 4.05 8.08 1.00
C ASN A 72 4.07 7.90 -0.51
N GLN A 73 4.35 6.69 -0.97
CA GLN A 73 4.36 6.42 -2.39
C GLN A 73 2.99 6.69 -3.01
N LEU A 74 1.94 6.17 -2.38
CA LEU A 74 0.59 6.37 -2.88
C LEU A 74 0.22 7.85 -2.88
N SER A 75 0.65 8.57 -1.85
CA SER A 75 0.37 10.00 -1.78
CA SER A 75 0.37 10.01 -1.79
C SER A 75 0.97 10.73 -2.98
N GLU A 76 2.21 10.36 -3.33
CA GLU A 76 2.92 10.98 -4.45
C GLU A 76 2.29 10.67 -5.79
N LEU A 77 1.73 9.46 -5.90
CA LEU A 77 1.23 8.92 -7.15
C LEU A 77 -0.25 9.20 -7.37
N LYS A 78 -0.92 9.65 -6.31
CA LYS A 78 -2.38 9.71 -6.27
C LYS A 78 -2.96 10.46 -7.46
N ARG A 79 -2.42 11.64 -7.72
CA ARG A 79 -2.99 12.50 -8.75
C ARG A 79 -2.79 11.94 -10.15
N SER A 80 -1.57 11.50 -10.44
CA SER A 80 -1.22 11.08 -11.79
C SER A 80 -1.72 9.68 -12.13
N HIS A 81 -1.91 8.84 -11.11
CA HIS A 81 -2.30 7.45 -11.31
C HIS A 81 -3.78 7.19 -11.06
N HIS A 82 -4.55 8.26 -10.82
CA HIS A 82 -5.99 8.13 -10.65
C HIS A 82 -6.66 7.97 -12.02
N HIS A 83 -7.73 7.17 -12.09
CA HIS A 83 -8.48 7.03 -13.34
C HIS A 83 -9.00 8.40 -13.79
N HIS A 84 -9.13 8.57 -15.10
CA HIS A 84 -9.64 9.81 -15.66
C HIS A 84 -10.96 9.55 -16.39
N HIS A 85 -11.96 10.36 -16.09
CA HIS A 85 -13.29 10.21 -16.70
C HIS A 85 -13.25 10.49 -18.19
#